data_9F5V
#
_entry.id   9F5V
#
_cell.length_a   40.530
_cell.length_b   68.630
_cell.length_c   64.380
_cell.angle_alpha   90.00
_cell.angle_beta   98.96
_cell.angle_gamma   90.00
#
_symmetry.space_group_name_H-M   'P 1 21 1'
#
loop_
_entity.id
_entity.type
_entity.pdbx_description
1 polymer 'Thiol peroxidase'
2 water water
#
_entity_poly.entity_id   1
_entity_poly.type   'polypeptide(L)'
_entity_poly.pdbx_seq_one_letter_code
;MASWSHPQFEKGAVTSLYKKAGFQKVTFKEETYQLEGKALKVGDKAPDVKLVNGDLQEVNLLKQGVRFQVVSALPSLTGS
VCLLQAKHFNEQTGKLPSVSFSVISMDLPFSQGQICGAEGIKDLRILSDFRYKAFGENYGVLLGKGSLQGLLARSVFVLD
DKGVVIYKEIVQNILEEPNYEALLKVLK
;
_entity_poly.pdbx_strand_id   A,B
#
# COMPACT_ATOMS: atom_id res chain seq x y z
N GLN A 24 -18.09 5.65 16.93
CA GLN A 24 -17.96 6.71 15.88
C GLN A 24 -17.97 6.06 14.49
N LYS A 25 -18.74 6.63 13.57
CA LYS A 25 -18.83 6.20 12.15
C LYS A 25 -18.46 7.37 11.24
N VAL A 26 -17.49 7.15 10.35
CA VAL A 26 -16.93 8.16 9.40
C VAL A 26 -17.70 8.05 8.08
N THR A 27 -17.98 9.18 7.43
CA THR A 27 -18.73 9.22 6.13
C THR A 27 -17.80 9.64 5.00
N PHE A 28 -18.02 9.06 3.83
CA PHE A 28 -17.38 9.43 2.54
C PHE A 28 -18.48 9.41 1.47
N LYS A 29 -19.03 10.57 1.14
CA LYS A 29 -20.19 10.71 0.21
C LYS A 29 -21.34 9.84 0.74
N GLU A 30 -21.78 8.83 -0.02
CA GLU A 30 -22.96 7.99 0.35
C GLU A 30 -22.55 6.84 1.27
N GLU A 31 -21.24 6.64 1.49
CA GLU A 31 -20.73 5.51 2.32
C GLU A 31 -20.57 5.96 3.77
N THR A 32 -20.98 5.09 4.70
CA THR A 32 -20.69 5.20 6.14
C THR A 32 -19.77 4.04 6.53
N TYR A 33 -18.73 4.33 7.32
CA TYR A 33 -17.68 3.37 7.71
C TYR A 33 -17.72 3.15 9.23
N GLN A 34 -17.71 1.88 9.61
CA GLN A 34 -17.25 1.39 10.94
C GLN A 34 -15.73 1.61 11.00
N LEU A 35 -15.21 2.02 12.16
CA LEU A 35 -13.74 2.03 12.43
C LEU A 35 -13.38 0.68 13.04
N GLU A 36 -12.32 0.05 12.53
CA GLU A 36 -11.81 -1.26 13.00
C GLU A 36 -10.52 -1.04 13.78
N GLY A 37 -10.11 -2.03 14.57
CA GLY A 37 -8.95 -1.96 15.47
C GLY A 37 -9.38 -1.61 16.88
N LYS A 38 -8.42 -1.48 17.79
CA LYS A 38 -8.67 -1.22 19.24
C LYS A 38 -8.91 0.29 19.42
N ALA A 39 -10.05 0.64 20.02
CA ALA A 39 -10.42 2.03 20.36
C ALA A 39 -9.34 2.61 21.30
N LEU A 40 -8.85 3.81 20.99
CA LEU A 40 -7.86 4.54 21.82
C LEU A 40 -8.48 5.89 22.19
N LYS A 41 -8.59 6.19 23.49
CA LYS A 41 -9.33 7.38 24.00
C LYS A 41 -8.34 8.30 24.74
N VAL A 42 -8.72 9.57 24.88
CA VAL A 42 -7.97 10.57 25.71
C VAL A 42 -7.79 9.96 27.10
N GLY A 43 -6.54 9.91 27.58
CA GLY A 43 -6.17 9.32 28.88
C GLY A 43 -5.47 7.98 28.74
N ASP A 44 -5.61 7.32 27.58
CA ASP A 44 -4.95 6.01 27.29
C ASP A 44 -3.48 6.24 26.94
N LYS A 45 -2.62 5.33 27.39
CA LYS A 45 -1.20 5.23 26.95
C LYS A 45 -1.20 4.79 25.48
N ALA A 46 -0.71 5.65 24.58
CA ALA A 46 -0.62 5.37 23.13
C ALA A 46 0.41 4.25 22.91
N PRO A 47 0.03 3.14 22.25
CA PRO A 47 0.97 2.05 21.99
C PRO A 47 2.02 2.44 20.94
N ASP A 48 3.27 2.03 21.16
CA ASP A 48 4.34 2.11 20.13
C ASP A 48 3.99 1.08 19.06
N VAL A 49 4.15 1.43 17.78
CA VAL A 49 3.86 0.53 16.64
C VAL A 49 5.02 0.62 15.64
N LYS A 50 5.23 -0.45 14.88
CA LYS A 50 6.23 -0.53 13.78
C LYS A 50 5.63 0.06 12.51
N LEU A 51 6.35 1.00 11.89
CA LEU A 51 6.00 1.60 10.58
C LEU A 51 7.24 1.51 9.69
N VAL A 52 7.09 1.82 8.40
CA VAL A 52 8.21 1.79 7.41
C VAL A 52 8.34 3.19 6.80
N ASN A 53 9.57 3.72 6.72
CA ASN A 53 9.84 5.08 6.18
C ASN A 53 10.31 4.96 4.73
N GLY A 54 10.68 6.09 4.11
CA GLY A 54 11.05 6.19 2.68
C GLY A 54 12.32 5.43 2.33
N ASP A 55 13.15 5.11 3.33
CA ASP A 55 14.41 4.32 3.15
C ASP A 55 14.12 2.83 3.34
N LEU A 56 12.84 2.44 3.45
CA LEU A 56 12.38 1.06 3.74
C LEU A 56 13.00 0.56 5.05
N GLN A 57 13.19 1.49 5.99
CA GLN A 57 13.69 1.22 7.36
C GLN A 57 12.47 1.10 8.28
N GLU A 58 12.42 0.06 9.11
CA GLU A 58 11.39 -0.07 10.17
C GLU A 58 11.70 0.93 11.28
N VAL A 59 10.71 1.70 11.69
CA VAL A 59 10.85 2.74 12.75
C VAL A 59 9.73 2.54 13.79
N ASN A 60 9.98 3.02 15.00
CA ASN A 60 8.97 3.10 16.09
C ASN A 60 8.29 4.47 15.97
N LEU A 61 6.95 4.49 16.02
CA LEU A 61 6.14 5.73 15.93
C LEU A 61 6.56 6.71 17.04
N LEU A 62 6.65 6.24 18.29
CA LEU A 62 6.82 7.12 19.48
C LEU A 62 8.24 7.69 19.53
N LYS A 63 8.37 8.97 19.88
CA LYS A 63 9.64 9.72 20.07
C LYS A 63 9.74 10.15 21.53
N GLN A 64 10.93 10.02 22.14
CA GLN A 64 11.22 10.48 23.52
C GLN A 64 11.94 11.83 23.48
N GLY A 65 11.90 12.58 24.59
CA GLY A 65 12.55 13.90 24.73
C GLY A 65 11.81 14.99 23.98
N VAL A 66 10.48 14.89 23.87
CA VAL A 66 9.61 15.85 23.14
C VAL A 66 8.36 16.12 23.98
N ARG A 67 7.97 17.39 24.10
CA ARG A 67 6.85 17.86 24.98
C ARG A 67 5.53 17.25 24.49
N PHE A 68 5.27 17.35 23.18
CA PHE A 68 4.07 16.79 22.52
C PHE A 68 4.49 15.98 21.29
N GLN A 69 3.78 14.89 21.02
CA GLN A 69 3.86 14.10 19.76
C GLN A 69 2.52 14.20 19.04
N VAL A 70 2.52 14.75 17.83
CA VAL A 70 1.33 14.81 16.94
C VAL A 70 1.46 13.67 15.94
N VAL A 71 0.51 12.74 15.96
CA VAL A 71 0.43 11.62 14.98
C VAL A 71 -0.89 11.77 14.22
N SER A 72 -0.79 11.90 12.89
CA SER A 72 -1.93 12.15 11.98
C SER A 72 -1.98 11.05 10.92
N ALA A 73 -3.17 10.55 10.63
CA ALA A 73 -3.39 9.53 9.58
C ALA A 73 -4.34 10.09 8.51
N LEU A 74 -4.21 9.58 7.30
CA LEU A 74 -5.07 9.95 6.16
C LEU A 74 -5.19 8.74 5.24
N PRO A 75 -6.28 8.64 4.45
CA PRO A 75 -6.49 7.50 3.57
C PRO A 75 -5.45 7.34 2.45
N SER A 76 -4.98 8.43 1.83
CA SER A 76 -3.95 8.39 0.77
C SER A 76 -3.40 9.78 0.47
N LEU A 77 -2.07 9.90 0.36
CA LEU A 77 -1.35 11.15 -0.02
C LEU A 77 -1.70 11.59 -1.44
N THR A 78 -2.35 10.74 -2.23
CA THR A 78 -2.80 11.04 -3.62
C THR A 78 -4.05 11.94 -3.58
N GLY A 79 -4.77 12.00 -2.46
CA GLY A 79 -5.99 12.83 -2.29
C GLY A 79 -5.66 14.31 -2.13
N SER A 80 -6.57 15.19 -2.59
CA SER A 80 -6.44 16.67 -2.51
C SER A 80 -6.47 17.12 -1.03
N VAL A 81 -7.50 16.69 -0.29
CA VAL A 81 -7.69 17.00 1.16
C VAL A 81 -6.48 16.45 1.93
N CYS A 82 -6.08 15.23 1.59
CA CYS A 82 -4.92 14.50 2.18
C CYS A 82 -3.63 15.31 1.98
N LEU A 83 -3.39 15.85 0.79
CA LEU A 83 -2.15 16.62 0.49
C LEU A 83 -2.12 17.90 1.34
N LEU A 84 -3.25 18.62 1.47
CA LEU A 84 -3.36 19.83 2.33
C LEU A 84 -2.97 19.48 3.76
N GLN A 85 -3.48 18.36 4.27
CA GLN A 85 -3.17 17.84 5.63
C GLN A 85 -1.66 17.63 5.77
N ALA A 86 -1.05 16.89 4.84
CA ALA A 86 0.41 16.62 4.83
C ALA A 86 1.18 17.94 4.76
N LYS A 87 0.72 18.88 3.91
CA LYS A 87 1.37 20.20 3.73
C LYS A 87 1.24 21.03 5.02
N HIS A 88 0.11 20.93 5.73
CA HIS A 88 -0.08 21.64 7.02
C HIS A 88 0.95 21.16 8.04
N PHE A 89 1.15 19.84 8.18
CA PHE A 89 2.03 19.24 9.20
C PHE A 89 3.50 19.38 8.79
N ASN A 90 3.79 19.40 7.48
CA ASN A 90 5.14 19.68 6.94
C ASN A 90 5.60 21.06 7.42
N GLU A 91 4.72 22.06 7.25
CA GLU A 91 4.99 23.48 7.62
C GLU A 91 5.14 23.58 9.15
N GLN A 92 4.29 22.88 9.92
CA GLN A 92 4.29 22.92 11.41
C GLN A 92 5.57 22.28 11.96
N THR A 93 6.16 21.31 11.24
CA THR A 93 7.42 20.63 11.62
C THR A 93 8.52 21.68 11.82
N GLY A 94 8.65 22.63 10.91
CA GLY A 94 9.62 23.74 10.97
C GLY A 94 9.25 24.79 12.00
N LYS A 95 7.94 25.01 12.22
CA LYS A 95 7.40 26.10 13.08
C LYS A 95 7.61 25.77 14.57
N LEU A 96 7.42 24.51 14.98
CA LEU A 96 7.58 24.06 16.39
C LEU A 96 8.51 22.85 16.46
N PRO A 97 9.83 23.05 16.65
CA PRO A 97 10.78 21.95 16.81
C PRO A 97 10.65 21.14 18.12
N SER A 98 9.98 21.68 19.14
CA SER A 98 9.74 21.03 20.46
C SER A 98 8.57 20.04 20.38
N VAL A 99 7.90 19.99 19.23
CA VAL A 99 6.75 19.08 18.94
C VAL A 99 7.17 18.15 17.80
N SER A 100 6.94 16.84 17.95
CA SER A 100 7.12 15.82 16.89
C SER A 100 5.84 15.73 16.06
N PHE A 101 5.96 15.83 14.73
CA PHE A 101 4.85 15.63 13.78
C PHE A 101 5.13 14.39 12.93
N SER A 102 4.17 13.46 12.91
CA SER A 102 4.21 12.22 12.09
C SER A 102 2.91 12.11 11.28
N VAL A 103 3.02 11.78 9.99
CA VAL A 103 1.84 11.50 9.14
C VAL A 103 1.95 10.05 8.65
N ILE A 104 0.86 9.30 8.79
CA ILE A 104 0.79 7.84 8.48
C ILE A 104 -0.26 7.62 7.40
N SER A 105 0.03 6.81 6.41
CA SER A 105 -0.95 6.32 5.41
C SER A 105 -0.59 4.89 5.03
N MET A 106 -1.51 4.23 4.32
CA MET A 106 -1.31 2.88 3.76
C MET A 106 -0.57 2.96 2.42
N ASP A 107 -0.30 4.16 1.90
CA ASP A 107 0.54 4.35 0.69
C ASP A 107 1.89 3.66 0.94
N LEU A 108 2.41 2.88 -0.02
CA LEU A 108 3.79 2.35 0.08
C LEU A 108 4.77 3.51 0.24
N PRO A 109 5.87 3.34 1.00
CA PRO A 109 6.88 4.39 1.16
C PRO A 109 7.40 4.99 -0.16
N PHE A 110 7.44 4.18 -1.22
CA PHE A 110 7.87 4.60 -2.59
C PHE A 110 7.04 5.79 -3.07
N SER A 111 5.71 5.66 -3.02
CA SER A 111 4.76 6.67 -3.54
C SER A 111 4.69 7.86 -2.56
N GLN A 112 4.83 7.60 -1.26
CA GLN A 112 4.95 8.67 -0.23
C GLN A 112 6.17 9.55 -0.58
N GLY A 113 7.31 8.94 -0.89
CA GLY A 113 8.55 9.65 -1.27
C GLY A 113 8.35 10.45 -2.53
N GLN A 114 7.72 9.87 -3.54
CA GLN A 114 7.51 10.50 -4.88
C GLN A 114 6.52 11.65 -4.76
N ILE A 115 5.40 11.48 -4.04
CA ILE A 115 4.36 12.55 -3.87
C ILE A 115 4.98 13.72 -3.10
N CYS A 116 5.64 13.44 -1.97
CA CYS A 116 6.33 14.44 -1.12
C CYS A 116 7.41 15.17 -1.94
N GLY A 117 8.15 14.43 -2.77
CA GLY A 117 9.17 14.98 -3.68
C GLY A 117 8.57 15.92 -4.71
N ALA A 118 7.43 15.55 -5.30
CA ALA A 118 6.73 16.32 -6.37
C ALA A 118 6.07 17.56 -5.78
N GLU A 119 5.66 17.51 -4.50
CA GLU A 119 4.78 18.54 -3.86
C GLU A 119 5.56 19.37 -2.83
N GLY A 120 6.88 19.17 -2.73
CA GLY A 120 7.78 19.99 -1.87
C GLY A 120 7.54 19.78 -0.39
N ILE A 121 7.31 18.53 0.03
CA ILE A 121 7.18 18.10 1.45
C ILE A 121 8.46 17.37 1.83
N LYS A 122 9.45 18.09 2.39
CA LYS A 122 10.82 17.56 2.62
C LYS A 122 11.17 17.50 4.12
N ASP A 123 10.36 18.09 4.99
CA ASP A 123 10.60 18.15 6.46
C ASP A 123 9.78 17.09 7.20
N LEU A 124 8.66 16.64 6.60
CA LEU A 124 7.61 15.84 7.30
C LEU A 124 8.08 14.40 7.51
N ARG A 125 7.93 13.89 8.73
CA ARG A 125 8.10 12.43 9.04
C ARG A 125 6.90 11.68 8.50
N ILE A 126 7.01 11.18 7.26
CA ILE A 126 5.94 10.46 6.52
C ILE A 126 6.24 8.96 6.61
N LEU A 127 5.30 8.19 7.17
CA LEU A 127 5.50 6.75 7.47
C LEU A 127 4.36 5.93 6.86
N SER A 128 4.66 4.69 6.49
CA SER A 128 3.69 3.74 5.88
C SER A 128 3.29 2.67 6.90
N ASP A 129 1.99 2.38 6.94
CA ASP A 129 1.38 1.33 7.81
C ASP A 129 1.20 0.04 7.02
N PHE A 130 1.74 -0.06 5.80
CA PHE A 130 1.40 -1.15 4.84
C PHE A 130 1.82 -2.52 5.38
N ARG A 131 2.93 -2.62 6.12
CA ARG A 131 3.58 -3.92 6.43
C ARG A 131 2.80 -4.68 7.50
N TYR A 132 2.39 -4.00 8.58
CA TYR A 132 1.78 -4.64 9.77
C TYR A 132 0.36 -4.13 10.01
N LYS A 133 -0.02 -2.98 9.43
CA LYS A 133 -1.29 -2.28 9.73
C LYS A 133 -1.38 -2.04 11.25
N ALA A 134 -0.23 -1.92 11.92
CA ALA A 134 -0.12 -1.82 13.39
C ALA A 134 -0.72 -0.48 13.86
N PHE A 135 -0.52 0.61 13.11
CA PHE A 135 -1.09 1.93 13.49
C PHE A 135 -2.62 1.86 13.45
N GLY A 136 -3.19 1.43 12.31
CA GLY A 136 -4.64 1.31 12.12
C GLY A 136 -5.27 0.42 13.17
N GLU A 137 -4.63 -0.72 13.46
CA GLU A 137 -5.14 -1.76 14.40
C GLU A 137 -5.10 -1.22 15.84
N ASN A 138 -4.05 -0.49 16.23
CA ASN A 138 -3.79 -0.12 17.64
C ASN A 138 -4.32 1.29 17.96
N TYR A 139 -4.66 2.11 16.96
CA TYR A 139 -5.22 3.47 17.14
C TYR A 139 -6.69 3.51 16.73
N GLY A 140 -7.22 2.40 16.22
CA GLY A 140 -8.66 2.22 15.91
C GLY A 140 -9.12 3.12 14.78
N VAL A 141 -8.33 3.25 13.72
CA VAL A 141 -8.65 4.14 12.57
C VAL A 141 -8.59 3.35 11.25
N LEU A 142 -8.62 2.02 11.32
CA LEU A 142 -8.77 1.15 10.12
C LEU A 142 -10.18 1.32 9.59
N LEU A 143 -10.34 1.71 8.32
CA LEU A 143 -11.69 1.85 7.70
C LEU A 143 -12.22 0.45 7.36
N GLY A 144 -13.46 0.16 7.75
CA GLY A 144 -14.14 -1.12 7.50
C GLY A 144 -14.74 -1.18 6.10
N LYS A 145 -15.71 -2.06 5.90
CA LYS A 145 -16.30 -2.40 4.58
C LYS A 145 -16.72 -1.12 3.84
N GLY A 146 -16.44 -1.08 2.54
CA GLY A 146 -16.67 0.08 1.65
C GLY A 146 -15.52 0.23 0.68
N SER A 147 -15.59 1.23 -0.21
CA SER A 147 -14.56 1.48 -1.25
C SER A 147 -13.19 1.73 -0.62
N LEU A 148 -13.13 2.38 0.56
CA LEU A 148 -11.87 2.77 1.24
C LEU A 148 -11.45 1.72 2.28
N GLN A 149 -12.08 0.54 2.31
CA GLN A 149 -11.74 -0.52 3.31
C GLN A 149 -10.23 -0.76 3.31
N GLY A 150 -9.62 -0.79 4.49
CA GLY A 150 -8.19 -1.11 4.68
C GLY A 150 -7.32 0.13 4.69
N LEU A 151 -7.86 1.30 4.34
CA LEU A 151 -7.15 2.60 4.44
C LEU A 151 -7.39 3.20 5.82
N LEU A 152 -6.59 4.20 6.20
CA LEU A 152 -6.68 4.84 7.54
C LEU A 152 -7.64 6.03 7.47
N ALA A 153 -8.54 6.11 8.45
CA ALA A 153 -9.46 7.26 8.64
C ALA A 153 -8.62 8.52 8.83
N ARG A 154 -9.09 9.65 8.30
CA ARG A 154 -8.46 10.96 8.57
C ARG A 154 -8.59 11.24 10.07
N SER A 155 -7.47 11.43 10.75
CA SER A 155 -7.43 11.48 12.23
C SER A 155 -6.17 12.19 12.74
N VAL A 156 -6.26 12.75 13.94
CA VAL A 156 -5.14 13.41 14.67
C VAL A 156 -5.18 12.93 16.12
N PHE A 157 -4.03 12.50 16.63
CA PHE A 157 -3.79 12.21 18.07
C PHE A 157 -2.64 13.12 18.53
N VAL A 158 -2.76 13.69 19.72
CA VAL A 158 -1.64 14.37 20.42
C VAL A 158 -1.35 13.58 21.69
N LEU A 159 -0.08 13.26 21.91
CA LEU A 159 0.43 12.56 23.11
C LEU A 159 1.29 13.55 23.91
N ASP A 160 1.22 13.49 25.25
CA ASP A 160 2.07 14.30 26.16
C ASP A 160 3.46 13.64 26.23
N ASP A 161 4.35 14.17 27.08
CA ASP A 161 5.77 13.71 27.21
C ASP A 161 5.84 12.27 27.72
N LYS A 162 4.74 11.73 28.29
CA LYS A 162 4.66 10.36 28.86
C LYS A 162 3.99 9.39 27.87
N GLY A 163 3.59 9.88 26.70
CA GLY A 163 2.98 9.06 25.63
C GLY A 163 1.50 8.79 25.87
N VAL A 164 0.85 9.60 26.71
CA VAL A 164 -0.61 9.50 27.02
C VAL A 164 -1.37 10.39 26.02
N VAL A 165 -2.49 9.90 25.49
CA VAL A 165 -3.34 10.65 24.52
C VAL A 165 -4.02 11.79 25.30
N ILE A 166 -3.77 13.04 24.89
CA ILE A 166 -4.37 14.26 25.51
C ILE A 166 -5.35 14.92 24.53
N TYR A 167 -5.31 14.56 23.25
CA TYR A 167 -6.24 15.07 22.21
C TYR A 167 -6.44 14.00 21.13
N LYS A 168 -7.67 13.89 20.64
CA LYS A 168 -8.08 12.92 19.59
C LYS A 168 -9.14 13.56 18.70
N GLU A 169 -8.91 13.58 17.39
CA GLU A 169 -9.97 13.88 16.40
C GLU A 169 -9.96 12.81 15.32
N ILE A 170 -11.06 12.08 15.18
CA ILE A 170 -11.36 11.27 13.97
C ILE A 170 -12.40 12.05 13.18
N VAL A 171 -12.02 12.56 12.01
CA VAL A 171 -12.81 13.55 11.21
C VAL A 171 -14.06 12.82 10.70
N GLN A 172 -15.25 13.32 11.06
CA GLN A 172 -16.57 12.68 10.79
C GLN A 172 -16.76 12.50 9.27
N ASN A 173 -16.53 13.57 8.51
CA ASN A 173 -16.58 13.60 7.03
C ASN A 173 -15.14 13.53 6.52
N ILE A 174 -14.75 12.43 5.89
CA ILE A 174 -13.32 12.18 5.50
C ILE A 174 -12.89 13.23 4.46
N LEU A 175 -13.83 13.91 3.81
CA LEU A 175 -13.51 14.97 2.81
C LEU A 175 -13.26 16.33 3.49
N GLU A 176 -13.39 16.41 4.81
CA GLU A 176 -13.05 17.63 5.60
C GLU A 176 -11.62 17.49 6.14
N GLU A 177 -10.92 18.62 6.28
CA GLU A 177 -9.59 18.68 6.93
C GLU A 177 -9.78 18.53 8.44
N PRO A 178 -8.72 18.15 9.20
CA PRO A 178 -8.77 18.18 10.66
C PRO A 178 -8.98 19.60 11.20
N ASN A 179 -9.49 19.71 12.42
CA ASN A 179 -9.66 20.99 13.15
C ASN A 179 -8.28 21.43 13.66
N TYR A 180 -7.59 22.26 12.88
CA TYR A 180 -6.21 22.76 13.16
C TYR A 180 -6.23 23.73 14.35
N GLU A 181 -7.29 24.55 14.47
CA GLU A 181 -7.46 25.53 15.57
C GLU A 181 -7.50 24.80 16.92
N ALA A 182 -8.30 23.73 17.01
CA ALA A 182 -8.39 22.86 18.21
C ALA A 182 -7.00 22.31 18.54
N LEU A 183 -6.25 21.89 17.51
CA LEU A 183 -4.94 21.21 17.64
C LEU A 183 -3.89 22.19 18.19
N LEU A 184 -3.82 23.41 17.64
CA LEU A 184 -2.82 24.44 18.02
C LEU A 184 -3.03 24.85 19.49
N LYS A 185 -4.29 24.90 19.94
CA LYS A 185 -4.67 25.23 21.34
C LYS A 185 -4.04 24.21 22.30
N VAL A 186 -3.99 22.93 21.90
CA VAL A 186 -3.43 21.80 22.70
C VAL A 186 -1.90 21.94 22.78
N LEU A 187 -1.26 22.54 21.77
CA LEU A 187 0.22 22.54 21.61
C LEU A 187 0.84 23.77 22.31
N LYS A 188 0.04 24.80 22.58
CA LYS A 188 0.42 25.90 23.51
C LYS A 188 0.27 25.38 24.95
N GLN B 24 11.59 -21.74 -2.90
CA GLN B 24 12.89 -21.17 -3.35
C GLN B 24 13.13 -19.82 -2.65
N LYS B 25 14.26 -19.18 -2.95
CA LYS B 25 14.65 -17.86 -2.39
C LYS B 25 14.76 -16.83 -3.52
N VAL B 26 14.64 -15.56 -3.18
CA VAL B 26 14.79 -14.39 -4.10
C VAL B 26 15.88 -13.49 -3.52
N THR B 27 16.74 -12.95 -4.38
CA THR B 27 17.86 -12.06 -3.96
C THR B 27 17.56 -10.65 -4.42
N PHE B 28 17.88 -9.68 -3.55
CA PHE B 28 17.85 -8.22 -3.85
C PHE B 28 19.12 -7.62 -3.27
N LYS B 29 20.14 -7.43 -4.11
CA LYS B 29 21.50 -6.97 -3.73
C LYS B 29 22.02 -7.93 -2.64
N GLU B 30 22.26 -7.45 -1.42
CA GLU B 30 22.89 -8.24 -0.33
C GLU B 30 21.82 -9.07 0.42
N GLU B 31 20.54 -8.83 0.16
CA GLU B 31 19.43 -9.49 0.90
C GLU B 31 18.99 -10.76 0.16
N THR B 32 18.74 -11.83 0.91
CA THR B 32 18.06 -13.06 0.46
C THR B 32 16.71 -13.15 1.16
N TYR B 33 15.65 -13.41 0.39
CA TYR B 33 14.24 -13.47 0.87
C TYR B 33 13.74 -14.90 0.79
N GLN B 34 13.12 -15.38 1.87
CA GLN B 34 12.22 -16.55 1.79
C GLN B 34 10.87 -16.04 1.32
N LEU B 35 10.15 -16.86 0.54
CA LEU B 35 8.81 -16.55 0.01
C LEU B 35 7.78 -17.08 1.02
N GLU B 36 6.83 -16.23 1.40
CA GLU B 36 5.74 -16.57 2.35
C GLU B 36 4.46 -16.80 1.55
N GLY B 37 3.48 -17.46 2.16
CA GLY B 37 2.22 -17.89 1.50
C GLY B 37 2.31 -19.32 1.03
N LYS B 38 1.20 -19.86 0.52
CA LYS B 38 1.10 -21.27 0.03
C LYS B 38 1.87 -21.39 -1.30
N ALA B 39 2.76 -22.37 -1.40
CA ALA B 39 3.53 -22.67 -2.64
C ALA B 39 2.54 -23.21 -3.69
N LEU B 40 2.40 -22.50 -4.80
CA LEU B 40 1.56 -22.89 -5.96
C LEU B 40 2.49 -23.40 -7.06
N LYS B 41 2.36 -24.67 -7.47
CA LYS B 41 3.31 -25.29 -8.42
C LYS B 41 2.60 -25.54 -9.75
N VAL B 42 3.39 -25.74 -10.81
CA VAL B 42 2.89 -26.12 -12.16
C VAL B 42 2.06 -27.39 -11.99
N GLY B 43 0.88 -27.44 -12.61
CA GLY B 43 -0.07 -28.57 -12.52
C GLY B 43 -1.16 -28.33 -11.48
N ASP B 44 -1.00 -27.32 -10.61
CA ASP B 44 -2.01 -26.97 -9.57
C ASP B 44 -3.10 -26.07 -10.18
N LYS B 45 -4.35 -26.32 -9.79
CA LYS B 45 -5.49 -25.39 -10.00
C LYS B 45 -5.16 -24.08 -9.28
N ALA B 46 -5.17 -22.96 -10.02
CA ALA B 46 -4.86 -21.62 -9.48
C ALA B 46 -6.05 -21.15 -8.64
N PRO B 47 -5.83 -20.71 -7.38
CA PRO B 47 -6.92 -20.21 -6.55
C PRO B 47 -7.37 -18.82 -6.98
N ASP B 48 -8.67 -18.57 -6.93
CA ASP B 48 -9.26 -17.23 -7.18
C ASP B 48 -9.00 -16.38 -5.94
N VAL B 49 -8.67 -15.10 -6.12
CA VAL B 49 -8.41 -14.17 -4.98
C VAL B 49 -9.11 -12.85 -5.28
N LYS B 50 -9.48 -12.14 -4.21
CA LYS B 50 -10.05 -10.77 -4.24
C LYS B 50 -8.90 -9.76 -4.34
N LEU B 51 -9.00 -8.85 -5.30
CA LEU B 51 -8.07 -7.70 -5.46
C LEU B 51 -8.90 -6.44 -5.60
N VAL B 52 -8.26 -5.28 -5.66
CA VAL B 52 -8.93 -3.96 -5.78
C VAL B 52 -8.37 -3.27 -7.03
N ASN B 53 -9.23 -2.70 -7.86
CA ASN B 53 -8.83 -2.05 -9.14
C ASN B 53 -8.80 -0.53 -8.92
N GLY B 54 -8.57 0.23 -10.00
CA GLY B 54 -8.40 1.69 -9.99
C GLY B 54 -9.66 2.44 -9.55
N ASP B 55 -10.84 1.79 -9.64
CA ASP B 55 -12.15 2.39 -9.26
C ASP B 55 -12.49 2.01 -7.81
N LEU B 56 -11.54 1.41 -7.08
CA LEU B 56 -11.72 0.86 -5.71
C LEU B 56 -12.87 -0.16 -5.71
N GLN B 57 -13.00 -0.89 -6.82
CA GLN B 57 -13.96 -2.03 -6.97
C GLN B 57 -13.21 -3.31 -6.61
N GLU B 58 -13.80 -4.17 -5.78
CA GLU B 58 -13.26 -5.52 -5.51
C GLU B 58 -13.54 -6.39 -6.74
N VAL B 59 -12.51 -7.05 -7.25
CA VAL B 59 -12.58 -7.92 -8.46
C VAL B 59 -12.02 -9.29 -8.09
N ASN B 60 -12.41 -10.32 -8.84
CA ASN B 60 -11.81 -11.67 -8.78
C ASN B 60 -10.70 -11.73 -9.82
N LEU B 61 -9.55 -12.28 -9.44
CA LEU B 61 -8.35 -12.39 -10.32
C LEU B 61 -8.70 -13.20 -11.58
N LEU B 62 -9.31 -14.39 -11.41
CA LEU B 62 -9.49 -15.37 -12.51
C LEU B 62 -10.58 -14.90 -13.47
N LYS B 63 -10.34 -15.11 -14.77
CA LYS B 63 -11.27 -14.76 -15.88
C LYS B 63 -11.80 -16.06 -16.50
N GLN B 64 -13.12 -16.09 -16.74
CA GLN B 64 -13.88 -17.20 -17.36
C GLN B 64 -13.69 -17.14 -18.89
N GLY B 65 -13.64 -18.30 -19.53
CA GLY B 65 -13.67 -18.45 -21.01
C GLY B 65 -12.60 -17.63 -21.70
N VAL B 66 -11.33 -17.83 -21.32
CA VAL B 66 -10.14 -17.30 -22.05
C VAL B 66 -9.14 -18.46 -22.19
N ARG B 67 -8.46 -18.55 -23.34
CA ARG B 67 -7.54 -19.67 -23.68
C ARG B 67 -6.42 -19.73 -22.64
N PHE B 68 -5.80 -18.58 -22.35
CA PHE B 68 -4.68 -18.43 -21.38
C PHE B 68 -4.94 -17.22 -20.49
N GLN B 69 -4.58 -17.36 -19.21
CA GLN B 69 -4.54 -16.22 -18.25
C GLN B 69 -3.08 -16.04 -17.79
N VAL B 70 -2.54 -14.85 -17.99
CA VAL B 70 -1.18 -14.48 -17.52
C VAL B 70 -1.36 -13.57 -16.31
N VAL B 71 -0.81 -13.97 -15.17
CA VAL B 71 -0.86 -13.19 -13.90
C VAL B 71 0.59 -12.93 -13.47
N SER B 72 0.96 -11.66 -13.41
CA SER B 72 2.34 -11.22 -13.09
C SER B 72 2.30 -10.31 -11.86
N ALA B 73 3.22 -10.52 -10.92
CA ALA B 73 3.37 -9.68 -9.72
C ALA B 73 4.72 -8.97 -9.75
N LEU B 74 4.82 -7.83 -9.09
CA LEU B 74 6.08 -7.07 -8.94
C LEU B 74 6.03 -6.31 -7.62
N PRO B 75 7.21 -5.98 -7.03
CA PRO B 75 7.26 -5.30 -5.74
C PRO B 75 6.64 -3.89 -5.73
N SER B 76 6.86 -3.06 -6.75
CA SER B 76 6.24 -1.71 -6.85
C SER B 76 6.39 -1.13 -8.26
N LEU B 77 5.33 -0.52 -8.80
CA LEU B 77 5.30 0.13 -10.14
C LEU B 77 6.22 1.37 -10.15
N THR B 78 6.68 1.83 -8.99
CA THR B 78 7.62 2.98 -8.86
C THR B 78 9.03 2.56 -9.32
N GLY B 79 9.35 1.26 -9.31
CA GLY B 79 10.66 0.73 -9.75
C GLY B 79 10.83 0.83 -11.27
N SER B 80 12.07 0.98 -11.74
CA SER B 80 12.43 1.05 -13.17
C SER B 80 12.18 -0.30 -13.84
N VAL B 81 12.66 -1.40 -13.23
CA VAL B 81 12.47 -2.79 -13.74
C VAL B 81 10.97 -3.09 -13.76
N CYS B 82 10.27 -2.72 -12.68
CA CYS B 82 8.81 -2.90 -12.50
C CYS B 82 8.04 -2.19 -13.62
N LEU B 83 8.45 -0.98 -14.00
CA LEU B 83 7.74 -0.19 -15.05
C LEU B 83 7.92 -0.87 -16.41
N LEU B 84 9.12 -1.38 -16.70
CA LEU B 84 9.41 -2.12 -17.96
C LEU B 84 8.48 -3.33 -18.05
N GLN B 85 8.30 -4.06 -16.94
CA GLN B 85 7.42 -5.25 -16.85
C GLN B 85 5.97 -4.84 -17.16
N ALA B 86 5.48 -3.77 -16.54
CA ALA B 86 4.11 -3.24 -16.77
C ALA B 86 3.96 -2.84 -18.24
N LYS B 87 4.95 -2.14 -18.80
CA LYS B 87 4.96 -1.68 -20.21
C LYS B 87 4.88 -2.89 -21.16
N HIS B 88 5.66 -3.94 -20.87
CA HIS B 88 5.67 -5.19 -21.67
C HIS B 88 4.26 -5.78 -21.69
N PHE B 89 3.62 -5.92 -20.53
CA PHE B 89 2.29 -6.59 -20.41
C PHE B 89 1.18 -5.66 -20.92
N ASN B 90 1.42 -4.35 -20.93
CA ASN B 90 0.48 -3.37 -21.56
C ASN B 90 0.47 -3.61 -23.07
N GLU B 91 1.66 -3.79 -23.67
CA GLU B 91 1.80 -3.95 -25.14
C GLU B 91 1.30 -5.35 -25.54
N GLN B 92 1.57 -6.36 -24.71
CA GLN B 92 1.07 -7.75 -24.95
C GLN B 92 -0.46 -7.77 -24.90
N THR B 93 -1.10 -6.99 -24.02
CA THR B 93 -2.59 -6.93 -23.91
C THR B 93 -3.19 -6.55 -25.27
N GLY B 94 -2.60 -5.56 -25.94
CA GLY B 94 -3.00 -5.11 -27.28
C GLY B 94 -2.66 -6.14 -28.35
N LYS B 95 -1.49 -6.79 -28.23
CA LYS B 95 -0.95 -7.74 -29.25
C LYS B 95 -1.72 -9.05 -29.23
N LEU B 96 -2.16 -9.53 -28.06
CA LEU B 96 -2.83 -10.86 -27.88
C LEU B 96 -4.16 -10.68 -27.15
N PRO B 97 -5.22 -10.19 -27.84
CA PRO B 97 -6.54 -10.03 -27.22
C PRO B 97 -7.21 -11.32 -26.74
N SER B 98 -6.80 -12.50 -27.25
CA SER B 98 -7.30 -13.83 -26.85
C SER B 98 -6.73 -14.27 -25.49
N VAL B 99 -5.67 -13.60 -25.01
CA VAL B 99 -5.01 -13.91 -23.72
C VAL B 99 -5.35 -12.78 -22.73
N SER B 100 -5.69 -13.14 -21.48
CA SER B 100 -5.92 -12.21 -20.35
C SER B 100 -4.59 -11.95 -19.63
N PHE B 101 -4.19 -10.69 -19.52
CA PHE B 101 -2.97 -10.25 -18.79
C PHE B 101 -3.38 -9.43 -17.57
N SER B 102 -2.87 -9.81 -16.40
CA SER B 102 -3.06 -9.11 -15.11
C SER B 102 -1.72 -8.83 -14.46
N VAL B 103 -1.51 -7.60 -13.99
CA VAL B 103 -0.32 -7.22 -13.18
C VAL B 103 -0.81 -6.84 -11.78
N ILE B 104 -0.18 -7.42 -10.75
CA ILE B 104 -0.54 -7.23 -9.32
C ILE B 104 0.64 -6.63 -8.57
N SER B 105 0.39 -5.65 -7.71
CA SER B 105 1.41 -5.14 -6.75
C SER B 105 0.70 -4.74 -5.45
N MET B 106 1.49 -4.42 -4.44
CA MET B 106 1.01 -3.89 -3.14
C MET B 106 0.83 -2.37 -3.19
N ASP B 107 1.16 -1.72 -4.32
CA ASP B 107 0.87 -0.26 -4.48
C ASP B 107 -0.64 -0.07 -4.30
N LEU B 108 -1.06 0.98 -3.61
CA LEU B 108 -2.51 1.35 -3.57
C LEU B 108 -2.98 1.62 -5.00
N PRO B 109 -4.26 1.31 -5.32
CA PRO B 109 -4.82 1.62 -6.63
C PRO B 109 -4.65 3.08 -7.09
N PHE B 110 -4.62 4.03 -6.15
CA PHE B 110 -4.46 5.48 -6.45
C PHE B 110 -3.12 5.70 -7.17
N SER B 111 -2.03 5.16 -6.63
CA SER B 111 -0.66 5.32 -7.18
C SER B 111 -0.51 4.47 -8.44
N GLN B 112 -1.12 3.28 -8.49
CA GLN B 112 -1.13 2.44 -9.72
C GLN B 112 -1.74 3.24 -10.86
N GLY B 113 -2.89 3.88 -10.62
CA GLY B 113 -3.61 4.73 -11.59
C GLY B 113 -2.76 5.90 -12.05
N GLN B 114 -2.13 6.63 -11.14
CA GLN B 114 -1.30 7.83 -11.45
C GLN B 114 -0.10 7.42 -12.31
N ILE B 115 0.59 6.34 -11.94
CA ILE B 115 1.81 5.87 -12.65
C ILE B 115 1.43 5.40 -14.05
N CYS B 116 0.38 4.60 -14.17
CA CYS B 116 -0.11 4.06 -15.47
C CYS B 116 -0.63 5.21 -16.35
N GLY B 117 -1.28 6.20 -15.74
CA GLY B 117 -1.75 7.43 -16.44
C GLY B 117 -0.59 8.20 -17.04
N ALA B 118 0.46 8.45 -16.24
CA ALA B 118 1.65 9.23 -16.63
C ALA B 118 2.42 8.51 -17.75
N GLU B 119 2.42 7.18 -17.75
CA GLU B 119 3.21 6.34 -18.70
C GLU B 119 2.34 5.90 -19.89
N GLY B 120 1.04 6.22 -19.88
CA GLY B 120 0.10 5.89 -20.97
C GLY B 120 -0.19 4.39 -21.02
N ILE B 121 -0.07 3.72 -19.88
CA ILE B 121 -0.35 2.26 -19.69
C ILE B 121 -1.84 2.13 -19.34
N LYS B 122 -2.74 2.21 -20.32
CA LYS B 122 -4.20 2.30 -20.11
C LYS B 122 -4.91 0.97 -20.41
N ASP B 123 -4.31 0.10 -21.22
CA ASP B 123 -4.91 -1.19 -21.66
C ASP B 123 -4.78 -2.22 -20.54
N LEU B 124 -3.74 -2.11 -19.70
CA LEU B 124 -3.32 -3.17 -18.75
C LEU B 124 -4.29 -3.27 -17.56
N ARG B 125 -4.68 -4.50 -17.23
CA ARG B 125 -5.45 -4.81 -16.00
C ARG B 125 -4.48 -4.80 -14.81
N ILE B 126 -4.40 -3.66 -14.13
CA ILE B 126 -3.49 -3.40 -12.97
C ILE B 126 -4.34 -3.48 -11.70
N LEU B 127 -3.95 -4.36 -10.77
CA LEU B 127 -4.76 -4.70 -9.57
C LEU B 127 -3.87 -4.59 -8.33
N SER B 128 -4.45 -4.19 -7.20
CA SER B 128 -3.73 -4.04 -5.92
C SER B 128 -4.09 -5.19 -4.98
N ASP B 129 -3.08 -5.75 -4.31
CA ASP B 129 -3.21 -6.84 -3.32
C ASP B 129 -3.25 -6.25 -1.89
N PHE B 130 -3.34 -4.93 -1.75
CA PHE B 130 -3.15 -4.25 -0.44
C PHE B 130 -4.19 -4.70 0.59
N ARG B 131 -5.44 -4.96 0.19
CA ARG B 131 -6.57 -5.08 1.14
C ARG B 131 -6.49 -6.41 1.90
N TYR B 132 -6.21 -7.52 1.22
CA TYR B 132 -6.26 -8.89 1.80
C TYR B 132 -4.90 -9.59 1.71
N LYS B 133 -3.99 -9.12 0.83
CA LYS B 133 -2.72 -9.81 0.50
C LYS B 133 -3.02 -11.25 0.03
N ALA B 134 -4.20 -11.45 -0.57
CA ALA B 134 -4.71 -12.78 -0.95
C ALA B 134 -3.85 -13.35 -2.08
N PHE B 135 -3.40 -12.52 -3.02
CA PHE B 135 -2.55 -13.00 -4.12
C PHE B 135 -1.22 -13.52 -3.55
N GLY B 136 -0.53 -12.68 -2.77
CA GLY B 136 0.74 -13.00 -2.12
C GLY B 136 0.65 -14.29 -1.31
N GLU B 137 -0.42 -14.44 -0.52
CA GLU B 137 -0.59 -15.56 0.43
C GLU B 137 -0.99 -16.85 -0.31
N ASN B 138 -1.70 -16.74 -1.44
CA ASN B 138 -2.26 -17.93 -2.14
C ASN B 138 -1.39 -18.33 -3.34
N TYR B 139 -0.50 -17.45 -3.82
CA TYR B 139 0.43 -17.75 -4.95
C TYR B 139 1.87 -17.89 -4.44
N GLY B 140 2.09 -17.68 -3.13
CA GLY B 140 3.38 -17.91 -2.44
C GLY B 140 4.46 -16.96 -2.91
N VAL B 141 4.13 -15.69 -3.09
CA VAL B 141 5.09 -14.67 -3.62
C VAL B 141 5.17 -13.47 -2.66
N LEU B 142 4.68 -13.61 -1.42
CA LEU B 142 4.85 -12.55 -0.39
C LEU B 142 6.30 -12.60 0.10
N LEU B 143 7.05 -11.50 -0.05
CA LEU B 143 8.46 -11.41 0.39
C LEU B 143 8.52 -11.38 1.92
N GLY B 144 9.40 -12.21 2.51
CA GLY B 144 9.59 -12.31 3.97
C GLY B 144 10.49 -11.22 4.50
N LYS B 145 11.03 -11.42 5.71
CA LYS B 145 11.85 -10.41 6.44
C LYS B 145 12.92 -9.83 5.52
N GLY B 146 13.12 -8.52 5.60
CA GLY B 146 14.04 -7.73 4.77
C GLY B 146 13.43 -6.40 4.38
N SER B 147 14.18 -5.54 3.67
CA SER B 147 13.74 -4.17 3.29
C SER B 147 12.41 -4.23 2.52
N LEU B 148 12.22 -5.25 1.67
CA LEU B 148 11.02 -5.39 0.79
C LEU B 148 9.94 -6.27 1.44
N GLN B 149 10.03 -6.60 2.73
CA GLN B 149 9.05 -7.47 3.43
C GLN B 149 7.63 -6.92 3.18
N GLY B 150 6.71 -7.79 2.78
CA GLY B 150 5.28 -7.47 2.58
C GLY B 150 4.95 -7.07 1.15
N LEU B 151 5.97 -6.91 0.30
CA LEU B 151 5.81 -6.65 -1.15
C LEU B 151 5.77 -8.00 -1.88
N LEU B 152 5.33 -8.00 -3.14
CA LEU B 152 5.22 -9.23 -3.96
C LEU B 152 6.52 -9.44 -4.74
N ALA B 153 7.02 -10.68 -4.75
CA ALA B 153 8.19 -11.10 -5.56
C ALA B 153 7.85 -10.93 -7.04
N ARG B 154 8.84 -10.53 -7.85
CA ARG B 154 8.68 -10.48 -9.32
C ARG B 154 8.41 -11.91 -9.80
N SER B 155 7.26 -12.12 -10.44
CA SER B 155 6.74 -13.48 -10.72
C SER B 155 5.77 -13.45 -11.90
N VAL B 156 5.70 -14.56 -12.62
CA VAL B 156 4.77 -14.76 -13.76
C VAL B 156 4.16 -16.15 -13.59
N PHE B 157 2.83 -16.24 -13.72
CA PHE B 157 2.07 -17.51 -13.78
C PHE B 157 1.23 -17.48 -15.05
N VAL B 158 1.22 -18.58 -15.79
CA VAL B 158 0.27 -18.76 -16.93
C VAL B 158 -0.68 -19.90 -16.54
N LEU B 159 -1.98 -19.65 -16.68
CA LEU B 159 -3.06 -20.64 -16.44
C LEU B 159 -3.65 -21.04 -17.81
N ASP B 160 -3.97 -22.32 -17.98
CA ASP B 160 -4.64 -22.84 -19.20
C ASP B 160 -6.14 -22.56 -19.11
N ASP B 161 -6.93 -23.14 -20.02
CA ASP B 161 -8.39 -22.90 -20.15
C ASP B 161 -9.14 -23.48 -18.94
N LYS B 162 -8.52 -24.41 -18.21
CA LYS B 162 -9.09 -25.03 -16.97
C LYS B 162 -8.70 -24.23 -15.72
N GLY B 163 -7.92 -23.16 -15.87
CA GLY B 163 -7.37 -22.36 -14.75
C GLY B 163 -6.24 -23.08 -14.03
N VAL B 164 -5.56 -24.00 -14.73
CA VAL B 164 -4.44 -24.82 -14.18
C VAL B 164 -3.12 -24.11 -14.52
N VAL B 165 -2.20 -24.04 -13.55
CA VAL B 165 -0.85 -23.44 -13.75
C VAL B 165 -0.08 -24.34 -14.73
N ILE B 166 0.28 -23.80 -15.90
CA ILE B 166 1.08 -24.51 -16.93
C ILE B 166 2.49 -23.89 -17.01
N TYR B 167 2.69 -22.70 -16.45
CA TYR B 167 4.02 -22.01 -16.43
C TYR B 167 4.13 -21.13 -15.18
N LYS B 168 5.32 -21.15 -14.57
CA LYS B 168 5.63 -20.39 -13.34
C LYS B 168 7.10 -19.95 -13.39
N GLU B 169 7.34 -18.63 -13.27
CA GLU B 169 8.67 -18.06 -13.01
C GLU B 169 8.58 -17.13 -11.81
N ILE B 170 9.29 -17.45 -10.73
CA ILE B 170 9.62 -16.48 -9.67
C ILE B 170 11.08 -16.09 -9.92
N VAL B 171 11.29 -14.83 -10.33
CA VAL B 171 12.61 -14.31 -10.79
C VAL B 171 13.59 -14.37 -9.61
N GLN B 172 14.69 -15.11 -9.76
CA GLN B 172 15.70 -15.37 -8.70
C GLN B 172 16.28 -14.05 -8.18
N ASN B 173 16.68 -13.16 -9.10
CA ASN B 173 17.23 -11.82 -8.79
C ASN B 173 16.14 -10.80 -9.11
N ILE B 174 15.64 -10.09 -8.09
CA ILE B 174 14.43 -9.23 -8.24
C ILE B 174 14.75 -8.02 -9.15
N LEU B 175 16.03 -7.71 -9.39
CA LEU B 175 16.43 -6.60 -10.31
C LEU B 175 16.50 -7.07 -11.76
N GLU B 176 16.22 -8.35 -12.03
CA GLU B 176 16.10 -8.89 -13.42
C GLU B 176 14.64 -8.81 -13.87
N GLU B 177 14.40 -8.58 -15.16
CA GLU B 177 13.04 -8.68 -15.76
C GLU B 177 12.65 -10.16 -15.83
N PRO B 178 11.34 -10.48 -15.93
CA PRO B 178 10.92 -11.86 -16.19
C PRO B 178 11.44 -12.34 -17.55
N ASN B 179 11.48 -13.66 -17.74
CA ASN B 179 11.90 -14.31 -19.01
C ASN B 179 10.71 -14.26 -19.98
N TYR B 180 10.65 -13.23 -20.82
CA TYR B 180 9.53 -12.99 -21.78
C TYR B 180 9.56 -14.03 -22.90
N GLU B 181 10.74 -14.53 -23.28
CA GLU B 181 10.92 -15.55 -24.34
C GLU B 181 10.23 -16.86 -23.92
N ALA B 182 10.53 -17.33 -22.71
CA ALA B 182 9.95 -18.57 -22.12
C ALA B 182 8.42 -18.42 -22.04
N LEU B 183 7.95 -17.24 -21.62
CA LEU B 183 6.50 -16.91 -21.52
C LEU B 183 5.85 -16.99 -22.90
N LEU B 184 6.50 -16.41 -23.91
CA LEU B 184 6.01 -16.33 -25.32
C LEU B 184 5.81 -17.74 -25.88
N LYS B 185 6.75 -18.65 -25.60
CA LYS B 185 6.73 -20.08 -26.03
C LYS B 185 5.44 -20.74 -25.53
N VAL B 186 5.03 -20.45 -24.29
CA VAL B 186 3.84 -21.05 -23.62
C VAL B 186 2.56 -20.55 -24.32
N LEU B 187 2.55 -19.28 -24.75
CA LEU B 187 1.39 -18.62 -25.41
C LEU B 187 1.45 -18.86 -26.93
#